data_1JO5
#
_entry.id   1JO5
#
_cell.length_a   ?
_cell.length_b   ?
_cell.length_c   ?
_cell.angle_alpha   ?
_cell.angle_beta   ?
_cell.angle_gamma   ?
#
_entity_poly.entity_id   1
_entity_poly.type   'polypeptide(L)'
_entity_poly.pdbx_seq_one_letter_code
;ADKSDLGYTGLTDEQAQELHSVYMSGLWLFSAVAIVAHLAVYIWRPWF
;
_entity_poly.pdbx_strand_id   A
#
# COMPACT_ATOMS: atom_id res chain seq x y z
N ALA A 1 29.26 12.63 0.11
CA ALA A 1 29.10 12.56 1.58
C ALA A 1 27.65 12.30 1.97
N ASP A 2 26.78 13.26 1.70
CA ASP A 2 25.37 13.13 2.02
C ASP A 2 24.70 12.09 1.13
N LYS A 3 24.05 11.11 1.75
CA LYS A 3 23.37 10.05 1.01
C LYS A 3 21.86 10.25 1.05
N SER A 4 21.38 10.78 2.17
CA SER A 4 19.95 11.04 2.33
C SER A 4 19.12 9.79 2.06
N ASP A 5 19.73 8.62 2.18
CA ASP A 5 19.02 7.36 1.96
C ASP A 5 18.20 6.95 3.18
N LEU A 6 18.30 7.73 4.25
CA LEU A 6 17.56 7.45 5.47
C LEU A 6 16.07 7.73 5.28
N GLY A 7 15.73 8.38 4.17
CA GLY A 7 14.33 8.70 3.90
C GLY A 7 13.51 7.46 3.57
N TYR A 8 14.18 6.38 3.20
CA TYR A 8 13.49 5.13 2.86
C TYR A 8 12.93 4.47 4.10
N THR A 9 13.67 4.54 5.21
CA THR A 9 13.24 3.94 6.46
C THR A 9 12.24 4.84 7.18
N GLY A 10 12.54 6.14 7.22
CA GLY A 10 11.67 7.09 7.89
C GLY A 10 10.36 7.37 7.15
N LEU A 11 9.91 6.41 6.34
CA LEU A 11 8.67 6.58 5.59
C LEU A 11 7.46 6.10 6.39
N THR A 12 7.66 5.82 7.67
CA THR A 12 6.57 5.34 8.52
C THR A 12 5.55 6.44 8.77
N ASP A 13 6.01 7.59 9.23
CA ASP A 13 5.11 8.72 9.51
C ASP A 13 4.34 9.09 8.25
N GLU A 14 5.05 9.11 7.12
CA GLU A 14 4.44 9.43 5.84
C GLU A 14 3.47 8.33 5.45
N GLN A 15 3.86 7.11 5.77
CA GLN A 15 3.05 5.93 5.47
C GLN A 15 1.71 6.00 6.21
N ALA A 16 1.79 6.30 7.51
CA ALA A 16 0.59 6.41 8.33
C ALA A 16 -0.32 7.49 7.83
N GLN A 17 0.23 8.69 7.71
CA GLN A 17 -0.52 9.84 7.24
C GLN A 17 -1.03 9.64 5.83
N GLU A 18 -0.21 9.04 4.98
CA GLU A 18 -0.57 8.78 3.59
C GLU A 18 -1.75 7.84 3.50
N LEU A 19 -1.70 6.74 4.24
CA LEU A 19 -2.78 5.76 4.23
C LEU A 19 -4.04 6.32 4.88
N HIS A 20 -3.87 7.05 5.96
CA HIS A 20 -5.01 7.64 6.67
C HIS A 20 -5.77 8.63 5.78
N SER A 21 -5.04 9.58 5.22
CA SER A 21 -5.64 10.60 4.36
C SER A 21 -6.26 9.98 3.11
N VAL A 22 -5.55 9.03 2.49
CA VAL A 22 -6.05 8.38 1.30
C VAL A 22 -7.23 7.48 1.63
N TYR A 23 -7.17 6.81 2.78
CA TYR A 23 -8.26 5.94 3.17
C TYR A 23 -9.54 6.76 3.28
N MET A 24 -9.46 7.90 3.97
CA MET A 24 -10.62 8.78 4.11
C MET A 24 -10.92 9.46 2.79
N SER A 25 -9.89 10.00 2.16
CA SER A 25 -10.03 10.66 0.88
C SER A 25 -10.67 9.69 -0.10
N GLY A 26 -10.34 8.42 0.06
CA GLY A 26 -10.88 7.39 -0.80
C GLY A 26 -11.35 6.16 -0.05
N LEU A 27 -12.30 6.34 0.86
CA LEU A 27 -12.84 5.23 1.65
C LEU A 27 -13.26 4.06 0.75
N TRP A 28 -13.70 4.39 -0.46
CA TRP A 28 -14.13 3.37 -1.41
C TRP A 28 -12.93 2.68 -2.06
N LEU A 29 -11.72 3.14 -1.74
CA LEU A 29 -10.51 2.57 -2.30
C LEU A 29 -10.38 1.10 -1.91
N PHE A 30 -10.99 0.73 -0.79
CA PHE A 30 -10.95 -0.64 -0.31
C PHE A 30 -11.53 -1.60 -1.34
N SER A 31 -12.58 -1.16 -2.03
CA SER A 31 -13.22 -1.96 -3.05
C SER A 31 -12.24 -2.36 -4.14
N ALA A 32 -11.37 -1.42 -4.53
CA ALA A 32 -10.37 -1.68 -5.55
C ALA A 32 -9.37 -2.66 -4.99
N VAL A 33 -9.01 -2.40 -3.75
CA VAL A 33 -8.09 -3.22 -2.99
C VAL A 33 -8.61 -4.66 -2.90
N ALA A 34 -9.92 -4.78 -2.71
CA ALA A 34 -10.55 -6.10 -2.61
C ALA A 34 -10.46 -6.84 -3.94
N ILE A 35 -10.78 -6.13 -5.03
CA ILE A 35 -10.72 -6.73 -6.35
C ILE A 35 -9.30 -7.22 -6.67
N VAL A 36 -8.33 -6.35 -6.42
CA VAL A 36 -6.93 -6.70 -6.66
C VAL A 36 -6.54 -7.95 -5.90
N ALA A 37 -6.82 -7.96 -4.60
CA ALA A 37 -6.50 -9.10 -3.75
C ALA A 37 -7.23 -10.37 -4.22
N HIS A 38 -8.53 -10.24 -4.45
CA HIS A 38 -9.34 -11.38 -4.90
C HIS A 38 -8.80 -11.93 -6.22
N LEU A 39 -8.62 -11.05 -7.19
CA LEU A 39 -8.10 -11.45 -8.49
C LEU A 39 -6.70 -12.02 -8.35
N ALA A 40 -5.90 -11.39 -7.49
CA ALA A 40 -4.54 -11.84 -7.26
C ALA A 40 -4.52 -13.29 -6.82
N VAL A 41 -5.38 -13.63 -5.87
CA VAL A 41 -5.48 -15.00 -5.39
C VAL A 41 -5.92 -15.92 -6.51
N TYR A 42 -6.87 -15.45 -7.31
CA TYR A 42 -7.35 -16.22 -8.44
C TYR A 42 -6.17 -16.53 -9.36
N ILE A 43 -5.20 -15.62 -9.38
CA ILE A 43 -4.00 -15.79 -10.19
C ILE A 43 -2.99 -16.71 -9.50
N TRP A 44 -3.07 -16.76 -8.17
CA TRP A 44 -2.17 -17.59 -7.38
C TRP A 44 -2.59 -19.06 -7.39
N ARG A 45 -3.90 -19.30 -7.46
CA ARG A 45 -4.42 -20.67 -7.45
C ARG A 45 -3.76 -21.53 -8.54
N PRO A 46 -3.73 -21.05 -9.79
CA PRO A 46 -3.12 -21.79 -10.90
C PRO A 46 -1.59 -21.73 -10.88
N TRP A 47 -1.04 -20.98 -9.93
CA TRP A 47 0.40 -20.84 -9.81
C TRP A 47 0.96 -21.86 -8.83
N PHE A 48 0.22 -22.03 -7.74
CA PHE A 48 0.58 -22.97 -6.68
C PHE A 48 2.06 -22.86 -6.31
N ALA A 1 25.18 9.38 2.24
CA ALA A 1 23.73 9.08 2.36
C ALA A 1 23.46 8.07 3.47
N ASP A 2 24.31 8.08 4.49
CA ASP A 2 24.16 7.17 5.61
C ASP A 2 23.67 7.90 6.86
N LYS A 3 24.16 9.12 7.06
CA LYS A 3 23.76 9.92 8.21
C LYS A 3 23.29 11.31 7.75
N SER A 4 22.62 12.03 8.65
CA SER A 4 22.12 13.37 8.35
C SER A 4 20.94 13.30 7.38
N ASP A 5 21.17 12.77 6.19
CA ASP A 5 20.12 12.66 5.18
C ASP A 5 19.23 11.44 5.43
N LEU A 6 18.80 11.26 6.68
CA LEU A 6 17.96 10.13 7.05
C LEU A 6 16.52 10.32 6.54
N GLY A 7 16.26 11.45 5.87
CA GLY A 7 14.93 11.72 5.37
C GLY A 7 14.51 10.76 4.26
N TYR A 8 15.48 10.04 3.69
CA TYR A 8 15.19 9.09 2.63
C TYR A 8 14.42 7.90 3.18
N THR A 9 14.94 7.32 4.26
CA THR A 9 14.31 6.17 4.89
C THR A 9 13.15 6.61 5.78
N GLY A 10 13.21 7.86 6.24
CA GLY A 10 12.16 8.38 7.11
C GLY A 10 10.82 8.50 6.41
N LEU A 11 10.81 8.35 5.08
CA LEU A 11 9.58 8.45 4.31
C LEU A 11 8.71 7.20 4.48
N THR A 12 9.18 6.22 5.24
CA THR A 12 8.42 5.00 5.46
C THR A 12 7.19 5.27 6.32
N ASP A 13 7.41 5.84 7.50
CA ASP A 13 6.31 6.16 8.40
C ASP A 13 5.36 7.15 7.74
N GLU A 14 5.93 8.13 7.04
CA GLU A 14 5.13 9.13 6.34
C GLU A 14 4.33 8.48 5.24
N GLN A 15 4.94 7.48 4.62
CA GLN A 15 4.28 6.74 3.55
C GLN A 15 3.04 6.05 4.06
N ALA A 16 3.18 5.36 5.19
CA ALA A 16 2.06 4.66 5.81
C ALA A 16 0.94 5.63 6.17
N GLN A 17 1.35 6.77 6.68
CA GLN A 17 0.41 7.82 7.06
C GLN A 17 -0.37 8.32 5.86
N GLU A 18 0.35 8.54 4.75
CA GLU A 18 -0.27 9.02 3.53
C GLU A 18 -1.29 8.02 3.00
N LEU A 19 -0.96 6.73 3.10
CA LEU A 19 -1.85 5.68 2.64
C LEU A 19 -3.07 5.58 3.54
N HIS A 20 -2.85 5.79 4.83
CA HIS A 20 -3.93 5.73 5.81
C HIS A 20 -4.99 6.80 5.52
N SER A 21 -4.53 8.04 5.40
CA SER A 21 -5.41 9.16 5.12
C SER A 21 -6.11 8.98 3.77
N VAL A 22 -5.36 8.55 2.77
CA VAL A 22 -5.91 8.33 1.44
C VAL A 22 -6.87 7.15 1.44
N TYR A 23 -6.54 6.11 2.19
CA TYR A 23 -7.41 4.95 2.26
C TYR A 23 -8.78 5.36 2.81
N MET A 24 -8.76 6.12 3.90
CA MET A 24 -10.01 6.62 4.49
C MET A 24 -10.62 7.68 3.62
N SER A 25 -9.80 8.62 3.19
CA SER A 25 -10.25 9.68 2.31
C SER A 25 -10.86 9.05 1.08
N GLY A 26 -10.28 7.92 0.68
CA GLY A 26 -10.76 7.19 -0.49
C GLY A 26 -11.06 5.74 -0.19
N LEU A 27 -11.91 5.50 0.80
CA LEU A 27 -12.28 4.15 1.19
C LEU A 27 -12.62 3.28 -0.03
N TRP A 28 -13.06 3.91 -1.11
CA TRP A 28 -13.41 3.20 -2.33
C TRP A 28 -12.26 2.30 -2.79
N LEU A 29 -11.04 2.66 -2.40
CA LEU A 29 -9.87 1.88 -2.77
C LEU A 29 -9.96 0.47 -2.22
N PHE A 30 -10.60 0.32 -1.07
CA PHE A 30 -10.76 -0.99 -0.44
C PHE A 30 -11.51 -1.94 -1.36
N SER A 31 -12.50 -1.41 -2.07
CA SER A 31 -13.30 -2.20 -2.99
C SER A 31 -12.44 -2.75 -4.13
N ALA A 32 -11.53 -1.92 -4.64
CA ALA A 32 -10.63 -2.34 -5.70
C ALA A 32 -9.66 -3.37 -5.14
N VAL A 33 -9.23 -3.09 -3.93
CA VAL A 33 -8.33 -3.93 -3.19
C VAL A 33 -8.92 -5.33 -3.00
N ALA A 34 -10.18 -5.38 -2.58
CA ALA A 34 -10.87 -6.64 -2.36
C ALA A 34 -11.08 -7.41 -3.65
N ILE A 35 -11.59 -6.74 -4.68
CA ILE A 35 -11.84 -7.39 -5.96
C ILE A 35 -10.55 -7.92 -6.57
N VAL A 36 -9.55 -7.04 -6.63
CA VAL A 36 -8.26 -7.41 -7.18
C VAL A 36 -7.65 -8.59 -6.44
N ALA A 37 -7.74 -8.57 -5.10
CA ALA A 37 -7.21 -9.64 -4.27
C ALA A 37 -7.87 -10.97 -4.60
N HIS A 38 -9.20 -10.99 -4.65
CA HIS A 38 -9.94 -12.20 -4.94
C HIS A 38 -9.54 -12.76 -6.30
N LEU A 39 -9.58 -11.91 -7.33
CA LEU A 39 -9.22 -12.34 -8.67
C LEU A 39 -7.75 -12.73 -8.74
N ALA A 40 -6.92 -11.99 -8.01
CA ALA A 40 -5.49 -12.27 -7.97
C ALA A 40 -5.25 -13.70 -7.53
N VAL A 41 -5.90 -14.10 -6.44
CA VAL A 41 -5.76 -15.45 -5.93
C VAL A 41 -6.30 -16.45 -6.93
N TYR A 42 -7.41 -16.09 -7.56
CA TYR A 42 -8.00 -16.95 -8.57
C TYR A 42 -6.99 -17.20 -9.68
N ILE A 43 -6.11 -16.23 -9.91
CA ILE A 43 -5.10 -16.36 -10.96
C ILE A 43 -3.93 -17.24 -10.54
N TRP A 44 -3.42 -17.04 -9.32
CA TRP A 44 -2.29 -17.85 -8.85
C TRP A 44 -2.75 -19.12 -8.13
N ARG A 45 -4.06 -19.26 -7.93
CA ARG A 45 -4.60 -20.43 -7.25
C ARG A 45 -4.13 -21.73 -7.93
N PRO A 46 -4.29 -21.83 -9.27
CA PRO A 46 -3.88 -23.02 -10.01
C PRO A 46 -2.39 -23.00 -10.35
N TRP A 47 -1.71 -21.94 -9.95
CA TRP A 47 -0.27 -21.80 -10.20
C TRP A 47 0.55 -22.43 -9.08
N PHE A 48 0.09 -22.18 -7.87
CA PHE A 48 0.76 -22.69 -6.67
C PHE A 48 2.06 -21.96 -6.43
N ALA A 1 27.81 16.21 5.10
CA ALA A 1 27.52 17.55 4.52
C ALA A 1 26.67 18.38 5.47
N ASP A 2 26.71 19.69 5.29
CA ASP A 2 25.94 20.61 6.14
C ASP A 2 24.45 20.32 6.02
N LYS A 3 23.91 19.62 7.03
CA LYS A 3 22.49 19.27 7.05
C LYS A 3 22.13 18.42 5.83
N SER A 4 22.06 17.11 6.03
CA SER A 4 21.72 16.20 4.95
C SER A 4 21.18 14.88 5.51
N ASP A 5 20.88 13.95 4.61
CA ASP A 5 20.35 12.63 5.00
C ASP A 5 19.27 12.75 6.07
N LEU A 6 18.57 13.87 6.07
CA LEU A 6 17.50 14.10 7.05
C LEU A 6 16.30 13.21 6.77
N GLY A 7 16.28 12.57 5.60
CA GLY A 7 15.17 11.71 5.24
C GLY A 7 15.13 10.43 6.07
N TYR A 8 16.18 10.18 6.84
CA TYR A 8 16.24 8.99 7.69
C TYR A 8 15.25 9.10 8.84
N THR A 9 15.20 10.27 9.47
CA THR A 9 14.29 10.51 10.58
C THR A 9 12.89 10.82 10.07
N GLY A 10 12.81 11.51 8.95
CA GLY A 10 11.52 11.87 8.37
C GLY A 10 10.74 10.66 7.88
N LEU A 11 11.38 9.48 7.88
CA LEU A 11 10.73 8.26 7.43
C LEU A 11 9.46 7.99 8.21
N THR A 12 9.45 8.36 9.48
CA THR A 12 8.30 8.16 10.35
C THR A 12 7.15 9.07 9.96
N ASP A 13 7.46 10.35 9.86
CA ASP A 13 6.48 11.35 9.47
C ASP A 13 6.01 11.06 8.06
N GLU A 14 6.97 10.69 7.22
CA GLU A 14 6.70 10.38 5.83
C GLU A 14 5.88 9.12 5.68
N GLN A 15 6.23 8.11 6.46
CA GLN A 15 5.50 6.83 6.39
C GLN A 15 4.07 6.99 6.88
N ALA A 16 3.91 7.64 8.02
CA ALA A 16 2.59 7.86 8.60
C ALA A 16 1.69 8.66 7.65
N GLN A 17 2.20 9.82 7.25
CA GLN A 17 1.47 10.69 6.35
C GLN A 17 1.21 10.04 5.00
N GLU A 18 2.24 9.38 4.47
CA GLU A 18 2.13 8.71 3.18
C GLU A 18 1.13 7.56 3.22
N LEU A 19 1.29 6.69 4.20
CA LEU A 19 0.41 5.53 4.35
C LEU A 19 -1.00 5.95 4.77
N HIS A 20 -1.07 6.86 5.74
CA HIS A 20 -2.36 7.33 6.23
C HIS A 20 -3.16 7.99 5.12
N SER A 21 -2.55 8.94 4.44
CA SER A 21 -3.21 9.67 3.36
C SER A 21 -3.60 8.74 2.21
N VAL A 22 -2.70 7.84 1.83
CA VAL A 22 -2.98 6.92 0.74
C VAL A 22 -4.06 5.92 1.11
N TYR A 23 -4.03 5.44 2.36
CA TYR A 23 -5.04 4.50 2.80
C TYR A 23 -6.41 5.14 2.74
N MET A 24 -6.53 6.36 3.26
CA MET A 24 -7.79 7.08 3.22
C MET A 24 -8.11 7.53 1.81
N SER A 25 -7.11 8.12 1.17
CA SER A 25 -7.26 8.59 -0.20
C SER A 25 -7.70 7.43 -1.08
N GLY A 26 -7.19 6.25 -0.75
CA GLY A 26 -7.52 5.06 -1.52
C GLY A 26 -7.89 3.88 -0.65
N LEU A 27 -8.86 4.06 0.23
CA LEU A 27 -9.30 2.98 1.11
C LEU A 27 -9.99 1.87 0.32
N TRP A 28 -10.69 2.25 -0.74
CA TRP A 28 -11.38 1.29 -1.58
C TRP A 28 -10.41 0.57 -2.51
N LEU A 29 -9.14 0.96 -2.48
CA LEU A 29 -8.14 0.35 -3.34
C LEU A 29 -7.89 -1.10 -2.93
N PHE A 30 -7.74 -1.32 -1.62
CA PHE A 30 -7.50 -2.66 -1.10
C PHE A 30 -8.64 -3.59 -1.48
N SER A 31 -9.85 -3.07 -1.46
CA SER A 31 -11.04 -3.85 -1.81
C SER A 31 -10.95 -4.39 -3.24
N ALA A 32 -10.46 -3.55 -4.15
CA ALA A 32 -10.30 -3.95 -5.55
C ALA A 32 -9.22 -4.99 -5.65
N VAL A 33 -8.18 -4.75 -4.87
CA VAL A 33 -7.03 -5.63 -4.80
C VAL A 33 -7.43 -7.02 -4.31
N ALA A 34 -8.24 -7.05 -3.25
CA ALA A 34 -8.70 -8.30 -2.67
C ALA A 34 -9.63 -9.06 -3.62
N ILE A 35 -10.59 -8.35 -4.20
CA ILE A 35 -11.55 -8.96 -5.11
C ILE A 35 -10.87 -9.47 -6.37
N VAL A 36 -10.07 -8.61 -7.00
CA VAL A 36 -9.37 -8.99 -8.22
C VAL A 36 -8.47 -10.20 -7.98
N ALA A 37 -7.69 -10.17 -6.91
CA ALA A 37 -6.81 -11.27 -6.57
C ALA A 37 -7.61 -12.55 -6.35
N HIS A 38 -8.74 -12.41 -5.65
CA HIS A 38 -9.60 -13.56 -5.37
C HIS A 38 -10.07 -14.20 -6.68
N LEU A 39 -10.50 -13.37 -7.61
CA LEU A 39 -10.98 -13.85 -8.91
C LEU A 39 -9.88 -14.63 -9.62
N ALA A 40 -8.69 -14.05 -9.69
CA ALA A 40 -7.56 -14.70 -10.35
C ALA A 40 -7.31 -16.07 -9.72
N VAL A 41 -7.24 -16.11 -8.40
CA VAL A 41 -7.01 -17.36 -7.69
C VAL A 41 -8.18 -18.31 -7.94
N TYR A 42 -9.39 -17.75 -7.97
CA TYR A 42 -10.57 -18.55 -8.23
C TYR A 42 -10.46 -19.23 -9.58
N ILE A 43 -9.73 -18.60 -10.50
CA ILE A 43 -9.52 -19.14 -11.84
C ILE A 43 -8.47 -20.24 -11.81
N TRP A 44 -7.41 -20.04 -11.05
CA TRP A 44 -6.33 -21.02 -10.95
C TRP A 44 -6.58 -22.03 -9.83
N ARG A 45 -7.64 -21.84 -9.07
CA ARG A 45 -7.97 -22.74 -7.97
C ARG A 45 -8.35 -24.14 -8.46
N PRO A 46 -9.22 -24.23 -9.48
CA PRO A 46 -9.65 -25.52 -10.02
C PRO A 46 -8.77 -26.01 -11.15
N TRP A 47 -7.88 -25.16 -11.64
CA TRP A 47 -6.98 -25.53 -12.73
C TRP A 47 -5.64 -26.01 -12.19
N PHE A 48 -5.16 -25.31 -11.18
CA PHE A 48 -3.90 -25.65 -10.54
C PHE A 48 -4.06 -26.82 -9.57
N ALA A 1 25.74 13.21 0.15
CA ALA A 1 26.80 12.92 1.16
C ALA A 1 26.27 13.06 2.58
N ASP A 2 25.54 14.15 2.82
CA ASP A 2 24.98 14.40 4.14
C ASP A 2 23.98 13.31 4.52
N LYS A 3 22.83 13.31 3.86
CA LYS A 3 21.79 12.32 4.13
C LYS A 3 21.84 11.19 3.12
N SER A 4 21.36 10.01 3.51
CA SER A 4 21.35 8.86 2.63
C SER A 4 20.31 7.83 3.08
N ASP A 5 20.65 7.06 4.11
CA ASP A 5 19.74 6.04 4.63
C ASP A 5 18.68 6.64 5.53
N LEU A 6 18.94 7.84 6.04
CA LEU A 6 17.99 8.52 6.91
C LEU A 6 16.77 8.99 6.12
N GLY A 7 16.83 8.87 4.79
CA GLY A 7 15.73 9.28 3.95
C GLY A 7 14.53 8.36 4.06
N TYR A 8 14.79 7.07 4.20
CA TYR A 8 13.72 6.08 4.32
C TYR A 8 13.03 6.18 5.67
N THR A 9 13.77 6.58 6.69
CA THR A 9 13.20 6.71 8.03
C THR A 9 12.52 8.06 8.22
N GLY A 10 13.10 9.10 7.64
CA GLY A 10 12.52 10.42 7.76
C GLY A 10 11.16 10.54 7.09
N LEU A 11 10.82 9.55 6.27
CA LEU A 11 9.53 9.57 5.57
C LEU A 11 8.45 8.86 6.36
N THR A 12 8.72 8.55 7.63
CA THR A 12 7.75 7.87 8.48
C THR A 12 6.58 8.77 8.82
N ASP A 13 6.87 9.98 9.30
CA ASP A 13 5.82 10.92 9.65
C ASP A 13 4.97 11.23 8.43
N GLU A 14 5.63 11.41 7.29
CA GLU A 14 4.94 11.68 6.03
C GLU A 14 4.15 10.46 5.61
N GLN A 15 4.74 9.30 5.85
CA GLN A 15 4.12 8.03 5.50
C GLN A 15 2.82 7.84 6.29
N ALA A 16 2.89 8.07 7.58
CA ALA A 16 1.73 7.93 8.46
C ALA A 16 0.61 8.88 8.05
N GLN A 17 0.96 10.15 7.98
CA GLN A 17 -0.01 11.19 7.62
C GLN A 17 -0.53 10.98 6.19
N GLU A 18 0.38 10.66 5.27
CA GLU A 18 0.02 10.45 3.88
C GLU A 18 -0.91 9.25 3.74
N LEU A 19 -0.52 8.13 4.33
CA LEU A 19 -1.32 6.90 4.25
C LEU A 19 -2.62 7.05 5.03
N HIS A 20 -2.55 7.66 6.21
CA HIS A 20 -3.72 7.86 7.04
C HIS A 20 -4.77 8.68 6.30
N SER A 21 -4.36 9.82 5.79
CA SER A 21 -5.26 10.71 5.06
C SER A 21 -5.82 10.03 3.82
N VAL A 22 -4.96 9.33 3.08
CA VAL A 22 -5.39 8.64 1.87
C VAL A 22 -6.35 7.50 2.19
N TYR A 23 -6.07 6.78 3.27
CA TYR A 23 -6.93 5.67 3.66
C TYR A 23 -8.32 6.18 4.02
N MET A 24 -8.38 7.23 4.83
CA MET A 24 -9.66 7.80 5.22
C MET A 24 -10.32 8.53 4.06
N SER A 25 -9.54 9.36 3.40
CA SER A 25 -10.03 10.09 2.24
C SER A 25 -10.49 9.10 1.18
N GLY A 26 -9.79 7.98 1.11
CA GLY A 26 -10.11 6.95 0.14
C GLY A 26 -11.26 6.07 0.57
N LEU A 27 -11.09 5.40 1.71
CA LEU A 27 -12.11 4.50 2.26
C LEU A 27 -12.70 3.57 1.20
N TRP A 28 -11.96 3.37 0.10
CA TRP A 28 -12.41 2.50 -0.97
C TRP A 28 -11.31 1.51 -1.38
N LEU A 29 -10.37 1.28 -0.46
CA LEU A 29 -9.27 0.36 -0.72
C LEU A 29 -9.77 -1.07 -0.84
N PHE A 30 -10.88 -1.37 -0.17
CA PHE A 30 -11.46 -2.71 -0.21
C PHE A 30 -11.82 -3.12 -1.63
N SER A 31 -12.30 -2.16 -2.42
CA SER A 31 -12.68 -2.43 -3.80
C SER A 31 -11.48 -2.94 -4.60
N ALA A 32 -10.31 -2.35 -4.36
CA ALA A 32 -9.10 -2.77 -5.05
C ALA A 32 -8.71 -4.14 -4.56
N VAL A 33 -8.87 -4.33 -3.26
CA VAL A 33 -8.59 -5.57 -2.60
C VAL A 33 -9.43 -6.71 -3.18
N ALA A 34 -10.72 -6.45 -3.36
CA ALA A 34 -11.63 -7.44 -3.91
C ALA A 34 -11.31 -7.78 -5.35
N ILE A 35 -11.12 -6.75 -6.18
CA ILE A 35 -10.81 -6.97 -7.60
C ILE A 35 -9.44 -7.61 -7.78
N VAL A 36 -8.45 -7.02 -7.13
CA VAL A 36 -7.08 -7.52 -7.21
C VAL A 36 -6.98 -8.94 -6.67
N ALA A 37 -7.50 -9.14 -5.46
CA ALA A 37 -7.47 -10.46 -4.84
C ALA A 37 -8.23 -11.48 -5.68
N HIS A 38 -9.36 -11.06 -6.22
CA HIS A 38 -10.19 -11.93 -7.05
C HIS A 38 -9.39 -12.45 -8.24
N LEU A 39 -8.75 -11.54 -8.96
CA LEU A 39 -7.95 -11.89 -10.12
C LEU A 39 -6.70 -12.68 -9.71
N ALA A 40 -6.01 -12.19 -8.69
CA ALA A 40 -4.81 -12.85 -8.19
C ALA A 40 -5.08 -14.28 -7.77
N VAL A 41 -6.14 -14.47 -7.00
CA VAL A 41 -6.51 -15.80 -6.54
C VAL A 41 -6.95 -16.67 -7.71
N TYR A 42 -7.74 -16.09 -8.60
CA TYR A 42 -8.23 -16.82 -9.76
C TYR A 42 -7.06 -17.33 -10.60
N ILE A 43 -5.95 -16.60 -10.58
CA ILE A 43 -4.77 -17.00 -11.34
C ILE A 43 -3.88 -17.96 -10.54
N TRP A 44 -3.94 -17.85 -9.22
CA TRP A 44 -3.12 -18.70 -8.36
C TRP A 44 -3.85 -20.00 -8.03
N ARG A 45 -5.17 -19.98 -8.05
CA ARG A 45 -5.96 -21.17 -7.74
C ARG A 45 -5.63 -22.31 -8.70
N PRO A 46 -5.65 -22.06 -10.03
CA PRO A 46 -5.35 -23.09 -11.02
C PRO A 46 -3.86 -23.33 -11.20
N TRP A 47 -3.05 -22.48 -10.58
CA TRP A 47 -1.60 -22.60 -10.67
C TRP A 47 -1.05 -23.41 -9.50
N PHE A 48 -1.59 -23.15 -8.33
CA PHE A 48 -1.18 -23.85 -7.12
C PHE A 48 0.29 -23.53 -6.79
N ALA A 1 27.73 15.36 5.64
CA ALA A 1 27.98 14.08 6.36
C ALA A 1 28.10 12.91 5.38
N ASP A 2 28.15 11.70 5.91
CA ASP A 2 28.25 10.50 5.08
C ASP A 2 26.97 9.69 5.12
N LYS A 3 26.21 9.83 6.21
CA LYS A 3 24.95 9.11 6.37
C LYS A 3 23.79 9.95 5.83
N SER A 4 23.91 10.38 4.58
CA SER A 4 22.88 11.19 3.95
C SER A 4 21.77 10.30 3.38
N ASP A 5 20.82 10.92 2.70
CA ASP A 5 19.70 10.20 2.10
C ASP A 5 19.01 9.30 3.12
N LEU A 6 19.00 9.74 4.38
CA LEU A 6 18.37 8.98 5.46
C LEU A 6 16.85 8.97 5.34
N GLY A 7 16.32 9.72 4.36
CA GLY A 7 14.88 9.79 4.17
C GLY A 7 14.29 8.49 3.64
N TYR A 8 15.14 7.49 3.39
CA TYR A 8 14.67 6.21 2.87
C TYR A 8 13.84 5.48 3.91
N THR A 9 14.21 5.65 5.19
CA THR A 9 13.49 5.00 6.28
C THR A 9 12.22 5.77 6.64
N GLY A 10 12.23 7.07 6.39
CA GLY A 10 11.08 7.90 6.69
C GLY A 10 9.87 7.58 5.83
N LEU A 11 10.06 6.74 4.81
CA LEU A 11 8.97 6.37 3.91
C LEU A 11 7.85 5.64 4.66
N THR A 12 8.15 5.18 5.88
CA THR A 12 7.16 4.48 6.68
C THR A 12 6.04 5.42 7.13
N ASP A 13 6.42 6.49 7.82
CA ASP A 13 5.44 7.46 8.29
C ASP A 13 4.67 8.07 7.12
N GLU A 14 5.39 8.37 6.06
CA GLU A 14 4.77 8.93 4.86
C GLU A 14 3.80 7.93 4.26
N GLN A 15 4.17 6.67 4.33
CA GLN A 15 3.34 5.59 3.81
C GLN A 15 2.00 5.56 4.53
N ALA A 16 2.06 5.60 5.85
CA ALA A 16 0.85 5.57 6.67
C ALA A 16 -0.05 6.75 6.38
N GLN A 17 0.55 7.92 6.31
CA GLN A 17 -0.19 9.15 6.04
C GLN A 17 -0.86 9.12 4.66
N GLU A 18 -0.11 8.66 3.66
CA GLU A 18 -0.63 8.58 2.30
C GLU A 18 -1.77 7.58 2.19
N LEU A 19 -1.54 6.38 2.69
CA LEU A 19 -2.54 5.32 2.63
C LEU A 19 -3.73 5.65 3.53
N HIS A 20 -3.44 6.10 4.74
CA HIS A 20 -4.49 6.44 5.69
C HIS A 20 -5.40 7.53 5.13
N SER A 21 -4.79 8.59 4.61
CA SER A 21 -5.54 9.70 4.04
C SER A 21 -6.38 9.25 2.86
N VAL A 22 -5.79 8.42 1.99
CA VAL A 22 -6.49 7.91 0.82
C VAL A 22 -7.61 6.97 1.23
N TYR A 23 -7.37 6.15 2.24
CA TYR A 23 -8.39 5.23 2.70
C TYR A 23 -9.61 6.00 3.18
N MET A 24 -9.38 7.02 4.00
CA MET A 24 -10.46 7.86 4.50
C MET A 24 -11.02 8.72 3.39
N SER A 25 -10.12 9.37 2.65
CA SER A 25 -10.52 10.21 1.54
C SER A 25 -11.35 9.39 0.56
N GLY A 26 -10.99 8.12 0.45
CA GLY A 26 -11.70 7.23 -0.45
C GLY A 26 -12.03 5.89 0.18
N LEU A 27 -12.76 5.91 1.28
CA LEU A 27 -13.14 4.68 1.97
C LEU A 27 -13.80 3.69 1.02
N TRP A 28 -14.40 4.21 -0.05
CA TRP A 28 -15.06 3.37 -1.03
C TRP A 28 -14.03 2.58 -1.85
N LEU A 29 -12.78 3.01 -1.78
CA LEU A 29 -11.69 2.36 -2.50
C LEU A 29 -11.43 0.96 -1.94
N PHE A 30 -11.77 0.76 -0.68
CA PHE A 30 -11.56 -0.53 -0.03
C PHE A 30 -12.31 -1.64 -0.77
N SER A 31 -13.50 -1.32 -1.25
CA SER A 31 -14.30 -2.29 -1.98
C SER A 31 -13.57 -2.77 -3.23
N ALA A 32 -12.93 -1.84 -3.93
CA ALA A 32 -12.17 -2.17 -5.14
C ALA A 32 -10.97 -2.98 -4.74
N VAL A 33 -10.38 -2.55 -3.64
CA VAL A 33 -9.22 -3.20 -3.06
C VAL A 33 -9.53 -4.64 -2.69
N ALA A 34 -10.71 -4.86 -2.10
CA ALA A 34 -11.13 -6.19 -1.69
C ALA A 34 -11.37 -7.10 -2.90
N ILE A 35 -12.10 -6.60 -3.88
CA ILE A 35 -12.39 -7.38 -5.09
C ILE A 35 -11.13 -7.63 -5.89
N VAL A 36 -10.40 -6.56 -6.16
CA VAL A 36 -9.15 -6.66 -6.92
C VAL A 36 -8.17 -7.59 -6.23
N ALA A 37 -7.97 -7.38 -4.93
CA ALA A 37 -7.05 -8.20 -4.15
C ALA A 37 -7.49 -9.67 -4.18
N HIS A 38 -8.79 -9.90 -4.09
CA HIS A 38 -9.34 -11.25 -4.10
C HIS A 38 -8.97 -11.95 -5.41
N LEU A 39 -9.10 -11.24 -6.52
CA LEU A 39 -8.78 -11.79 -7.82
C LEU A 39 -7.28 -12.07 -7.95
N ALA A 40 -6.48 -11.11 -7.51
CA ALA A 40 -5.02 -11.25 -7.57
C ALA A 40 -4.57 -12.50 -6.82
N VAL A 41 -5.07 -12.66 -5.60
CA VAL A 41 -4.72 -13.83 -4.79
C VAL A 41 -5.19 -15.09 -5.47
N TYR A 42 -6.38 -15.03 -6.07
CA TYR A 42 -6.92 -16.17 -6.78
C TYR A 42 -5.97 -16.57 -7.90
N ILE A 43 -5.27 -15.57 -8.44
CA ILE A 43 -4.30 -15.80 -9.51
C ILE A 43 -2.97 -16.28 -8.95
N TRP A 44 -2.70 -15.94 -7.69
CA TRP A 44 -1.46 -16.33 -7.03
C TRP A 44 -1.39 -17.83 -6.79
N ARG A 45 -2.55 -18.46 -6.54
CA ARG A 45 -2.57 -19.90 -6.28
C ARG A 45 -2.15 -20.71 -7.51
N PRO A 46 -2.80 -20.50 -8.67
CA PRO A 46 -2.47 -21.22 -9.90
C PRO A 46 -1.15 -20.73 -10.52
N TRP A 47 -0.59 -19.67 -9.96
CA TRP A 47 0.65 -19.10 -10.46
C TRP A 47 1.85 -19.73 -9.77
N PHE A 48 1.70 -19.92 -8.46
CA PHE A 48 2.76 -20.51 -7.63
C PHE A 48 4.15 -20.03 -8.05
N ALA A 1 28.69 12.43 -0.02
CA ALA A 1 28.67 12.45 1.47
C ALA A 1 27.23 12.46 1.99
N ASP A 2 26.42 13.36 1.45
CA ASP A 2 25.01 13.47 1.86
C ASP A 2 24.18 12.35 1.26
N LYS A 3 24.29 11.16 1.83
CA LYS A 3 23.53 10.01 1.34
C LYS A 3 22.04 10.29 1.31
N SER A 4 21.50 10.74 2.43
CA SER A 4 20.08 11.04 2.54
C SER A 4 19.22 9.83 2.20
N ASP A 5 19.81 8.64 2.30
CA ASP A 5 19.09 7.41 1.99
C ASP A 5 18.22 6.97 3.19
N LEU A 6 18.30 7.72 4.28
CA LEU A 6 17.52 7.40 5.47
C LEU A 6 16.03 7.69 5.27
N GLY A 7 15.71 8.35 4.16
CA GLY A 7 14.32 8.66 3.87
C GLY A 7 13.51 7.44 3.54
N TYR A 8 14.18 6.35 3.17
CA TYR A 8 13.50 5.11 2.82
C TYR A 8 12.91 4.45 4.07
N THR A 9 13.66 4.49 5.16
CA THR A 9 13.22 3.89 6.42
C THR A 9 12.23 4.80 7.15
N GLY A 10 12.54 6.10 7.19
CA GLY A 10 11.68 7.06 7.86
C GLY A 10 10.37 7.34 7.12
N LEU A 11 9.90 6.39 6.32
CA LEU A 11 8.67 6.57 5.57
C LEU A 11 7.45 6.08 6.37
N THR A 12 7.65 5.81 7.66
CA THR A 12 6.58 5.33 8.51
C THR A 12 5.56 6.44 8.77
N ASP A 13 6.03 7.59 9.22
CA ASP A 13 5.13 8.71 9.50
C ASP A 13 4.37 9.10 8.24
N GLU A 14 5.07 9.11 7.12
CA GLU A 14 4.45 9.43 5.84
C GLU A 14 3.47 8.34 5.45
N GLN A 15 3.87 7.11 5.75
CA GLN A 15 3.05 5.94 5.46
C GLN A 15 1.72 6.01 6.20
N ALA A 16 1.79 6.30 7.49
CA ALA A 16 0.60 6.41 8.32
C ALA A 16 -0.32 7.51 7.83
N GLN A 17 0.23 8.70 7.71
CA GLN A 17 -0.52 9.86 7.24
C GLN A 17 -1.02 9.65 5.81
N GLU A 18 -0.19 9.04 4.98
CA GLU A 18 -0.55 8.79 3.59
C GLU A 18 -1.75 7.85 3.49
N LEU A 19 -1.71 6.76 4.23
CA LEU A 19 -2.79 5.78 4.21
C LEU A 19 -4.05 6.33 4.86
N HIS A 20 -3.87 7.07 5.95
CA HIS A 20 -4.99 7.66 6.66
C HIS A 20 -5.75 8.65 5.78
N SER A 21 -5.01 9.61 5.23
CA SER A 21 -5.61 10.63 4.37
C SER A 21 -6.23 10.02 3.12
N VAL A 22 -5.53 9.08 2.49
CA VAL A 22 -6.03 8.43 1.29
C VAL A 22 -7.22 7.55 1.62
N TYR A 23 -7.17 6.87 2.76
CA TYR A 23 -8.27 6.01 3.16
C TYR A 23 -9.55 6.83 3.27
N MET A 24 -9.47 7.98 3.95
CA MET A 24 -10.62 8.85 4.08
C MET A 24 -10.94 9.53 2.76
N SER A 25 -9.91 10.07 2.14
CA SER A 25 -10.06 10.72 0.85
C SER A 25 -10.70 9.75 -0.13
N GLY A 26 -10.35 8.47 0.02
CA GLY A 26 -10.90 7.45 -0.85
C GLY A 26 -11.34 6.21 -0.11
N LEU A 27 -12.28 6.38 0.82
CA LEU A 27 -12.80 5.26 1.60
C LEU A 27 -13.21 4.10 0.70
N TRP A 28 -13.69 4.42 -0.49
CA TRP A 28 -14.12 3.41 -1.45
C TRP A 28 -12.93 2.71 -2.09
N LEU A 29 -11.72 3.20 -1.80
CA LEU A 29 -10.50 2.61 -2.35
C LEU A 29 -10.37 1.14 -1.95
N PHE A 30 -10.99 0.78 -0.82
CA PHE A 30 -10.95 -0.59 -0.34
C PHE A 30 -11.53 -1.55 -1.38
N SER A 31 -12.58 -1.11 -2.06
CA SER A 31 -13.22 -1.92 -3.09
C SER A 31 -12.24 -2.32 -4.18
N ALA A 32 -11.37 -1.38 -4.57
CA ALA A 32 -10.36 -1.66 -5.58
C ALA A 32 -9.36 -2.63 -5.00
N VAL A 33 -9.01 -2.37 -3.75
CA VAL A 33 -8.09 -3.19 -3.01
C VAL A 33 -8.60 -4.63 -2.91
N ALA A 34 -9.92 -4.76 -2.72
CA ALA A 34 -10.56 -6.06 -2.63
C ALA A 34 -10.45 -6.81 -3.95
N ILE A 35 -10.77 -6.12 -5.04
CA ILE A 35 -10.72 -6.72 -6.37
C ILE A 35 -9.30 -7.20 -6.67
N VAL A 36 -8.32 -6.34 -6.42
CA VAL A 36 -6.92 -6.69 -6.67
C VAL A 36 -6.54 -7.95 -5.89
N ALA A 37 -6.83 -7.95 -4.60
CA ALA A 37 -6.51 -9.09 -3.75
C ALA A 37 -7.24 -10.36 -4.22
N HIS A 38 -8.54 -10.23 -4.45
CA HIS A 38 -9.35 -11.37 -4.90
C HIS A 38 -8.81 -11.92 -6.22
N LEU A 39 -8.62 -11.04 -7.19
CA LEU A 39 -8.11 -11.44 -8.49
C LEU A 39 -6.70 -12.02 -8.35
N ALA A 40 -5.91 -11.40 -7.48
CA ALA A 40 -4.55 -11.85 -7.25
C ALA A 40 -4.54 -13.31 -6.81
N VAL A 41 -5.41 -13.63 -5.86
CA VAL A 41 -5.52 -15.00 -5.38
C VAL A 41 -5.95 -15.92 -6.50
N TYR A 42 -6.89 -15.46 -7.30
CA TYR A 42 -7.37 -16.24 -8.43
C TYR A 42 -6.20 -16.56 -9.35
N ILE A 43 -5.22 -15.64 -9.38
CA ILE A 43 -4.03 -15.82 -10.20
C ILE A 43 -3.02 -16.73 -9.50
N TRP A 44 -3.10 -16.80 -8.17
CA TRP A 44 -2.19 -17.62 -7.39
C TRP A 44 -2.62 -19.09 -7.39
N ARG A 45 -3.93 -19.34 -7.47
CA ARG A 45 -4.44 -20.70 -7.46
C ARG A 45 -3.78 -21.56 -8.54
N PRO A 46 -3.74 -21.09 -9.80
CA PRO A 46 -3.12 -21.81 -10.91
C PRO A 46 -1.61 -21.77 -10.88
N TRP A 47 -1.05 -21.00 -9.93
CA TRP A 47 0.39 -20.87 -9.79
C TRP A 47 0.93 -21.89 -8.79
N PHE A 48 0.18 -22.05 -7.71
CA PHE A 48 0.55 -22.99 -6.65
C PHE A 48 2.02 -22.88 -6.27
N ALA A 1 22.44 14.46 13.15
CA ALA A 1 23.80 15.00 12.84
C ALA A 1 24.31 14.46 11.52
N ASP A 2 24.37 13.13 11.41
CA ASP A 2 24.84 12.48 10.19
C ASP A 2 23.74 12.47 9.12
N LYS A 3 24.16 12.51 7.86
CA LYS A 3 23.22 12.50 6.74
C LYS A 3 23.85 11.89 5.50
N SER A 4 23.00 11.30 4.66
CA SER A 4 23.48 10.68 3.43
C SER A 4 22.34 10.55 2.42
N ASP A 5 21.36 9.71 2.73
CA ASP A 5 20.22 9.50 1.83
C ASP A 5 19.05 8.90 2.58
N LEU A 6 18.86 9.34 3.82
CA LEU A 6 17.76 8.85 4.66
C LEU A 6 16.41 9.45 4.25
N GLY A 7 16.39 10.19 3.13
CA GLY A 7 15.16 10.80 2.68
C GLY A 7 14.13 9.78 2.22
N TYR A 8 14.59 8.71 1.59
CA TYR A 8 13.68 7.67 1.11
C TYR A 8 13.08 6.89 2.26
N THR A 9 13.89 6.64 3.29
CA THR A 9 13.44 5.90 4.46
C THR A 9 12.75 6.82 5.46
N GLY A 10 13.16 8.09 5.48
CA GLY A 10 12.56 9.03 6.40
C GLY A 10 11.10 9.28 6.13
N LEU A 11 10.62 8.88 4.94
CA LEU A 11 9.22 9.07 4.58
C LEU A 11 8.37 7.87 4.98
N THR A 12 8.84 7.11 5.94
CA THR A 12 8.12 5.93 6.43
C THR A 12 6.85 6.34 7.17
N ASP A 13 7.02 7.22 8.14
CA ASP A 13 5.90 7.71 8.91
C ASP A 13 4.98 8.51 8.00
N GLU A 14 5.60 9.26 7.10
CA GLU A 14 4.87 10.08 6.14
C GLU A 14 4.08 9.22 5.17
N GLN A 15 4.71 8.17 4.69
CA GLN A 15 4.05 7.27 3.74
C GLN A 15 2.86 6.56 4.40
N ALA A 16 3.07 6.09 5.62
CA ALA A 16 2.02 5.40 6.36
C ALA A 16 0.82 6.30 6.56
N GLN A 17 1.08 7.46 7.15
CA GLN A 17 0.03 8.45 7.41
C GLN A 17 -0.60 8.94 6.11
N GLU A 18 0.23 9.11 5.08
CA GLU A 18 -0.24 9.58 3.80
C GLU A 18 -1.23 8.59 3.18
N LEU A 19 -0.85 7.32 3.15
CA LEU A 19 -1.71 6.28 2.59
C LEU A 19 -2.93 6.06 3.47
N HIS A 20 -2.73 6.06 4.78
CA HIS A 20 -3.81 5.88 5.72
C HIS A 20 -4.88 6.95 5.54
N SER A 21 -4.43 8.21 5.49
CA SER A 21 -5.33 9.34 5.31
C SER A 21 -6.07 9.24 3.97
N VAL A 22 -5.34 8.87 2.92
CA VAL A 22 -5.92 8.75 1.59
C VAL A 22 -6.93 7.60 1.54
N TYR A 23 -6.62 6.52 2.22
CA TYR A 23 -7.51 5.37 2.25
C TYR A 23 -8.83 5.73 2.94
N MET A 24 -8.71 6.36 4.11
CA MET A 24 -9.90 6.77 4.86
C MET A 24 -10.62 7.91 4.15
N SER A 25 -9.85 8.92 3.78
CA SER A 25 -10.42 10.06 3.07
C SER A 25 -11.04 9.57 1.77
N GLY A 26 -10.41 8.55 1.20
CA GLY A 26 -10.89 7.98 -0.04
C GLY A 26 -11.96 6.91 0.18
N LEU A 27 -12.07 6.43 1.41
CA LEU A 27 -13.05 5.40 1.77
C LEU A 27 -13.14 4.30 0.72
N TRP A 28 -12.08 4.13 -0.05
CA TRP A 28 -12.05 3.10 -1.10
C TRP A 28 -11.35 1.84 -0.58
N LEU A 29 -11.69 1.44 0.64
CA LEU A 29 -11.10 0.24 1.24
C LEU A 29 -11.54 -1.01 0.49
N PHE A 30 -12.80 -1.01 0.05
CA PHE A 30 -13.35 -2.15 -0.69
C PHE A 30 -12.60 -2.37 -2.00
N SER A 31 -12.23 -1.27 -2.64
CA SER A 31 -11.51 -1.33 -3.91
C SER A 31 -10.23 -2.13 -3.77
N ALA A 32 -9.54 -1.94 -2.66
CA ALA A 32 -8.31 -2.66 -2.38
C ALA A 32 -8.63 -4.12 -2.16
N VAL A 33 -9.76 -4.33 -1.49
CA VAL A 33 -10.25 -5.65 -1.17
C VAL A 33 -10.58 -6.43 -2.44
N ALA A 34 -11.26 -5.77 -3.37
CA ALA A 34 -11.65 -6.39 -4.63
C ALA A 34 -10.43 -6.71 -5.50
N ILE A 35 -9.52 -5.76 -5.60
CA ILE A 35 -8.32 -5.94 -6.41
C ILE A 35 -7.40 -7.00 -5.83
N VAL A 36 -7.11 -6.88 -4.55
CA VAL A 36 -6.23 -7.84 -3.88
C VAL A 36 -6.79 -9.26 -3.98
N ALA A 37 -8.08 -9.41 -3.70
CA ALA A 37 -8.73 -10.72 -3.76
C ALA A 37 -8.67 -11.28 -5.18
N HIS A 38 -8.97 -10.45 -6.16
CA HIS A 38 -8.96 -10.86 -7.56
C HIS A 38 -7.59 -11.39 -7.96
N LEU A 39 -6.54 -10.69 -7.54
CA LEU A 39 -5.17 -11.09 -7.86
C LEU A 39 -4.80 -12.40 -7.17
N ALA A 40 -5.14 -12.50 -5.89
CA ALA A 40 -4.83 -13.69 -5.11
C ALA A 40 -5.44 -14.93 -5.77
N VAL A 41 -6.72 -14.84 -6.12
CA VAL A 41 -7.39 -15.96 -6.77
C VAL A 41 -6.77 -16.24 -8.13
N TYR A 42 -6.41 -15.19 -8.84
CA TYR A 42 -5.77 -15.33 -10.14
C TYR A 42 -4.48 -16.12 -9.99
N ILE A 43 -3.85 -15.99 -8.82
CA ILE A 43 -2.60 -16.70 -8.55
C ILE A 43 -2.87 -18.14 -8.11
N TRP A 44 -4.01 -18.35 -7.47
CA TRP A 44 -4.39 -19.68 -6.99
C TRP A 44 -5.02 -20.54 -8.08
N ARG A 45 -5.82 -19.90 -8.94
CA ARG A 45 -6.50 -20.63 -10.02
C ARG A 45 -5.52 -21.48 -10.83
N PRO A 46 -4.36 -20.92 -11.24
CA PRO A 46 -3.37 -21.65 -12.02
C PRO A 46 -2.52 -22.59 -11.16
N TRP A 47 -2.72 -22.54 -9.85
CA TRP A 47 -1.98 -23.39 -8.92
C TRP A 47 -2.69 -24.70 -8.71
N PHE A 48 -4.01 -24.62 -8.58
CA PHE A 48 -4.84 -25.79 -8.37
C PHE A 48 -6.29 -25.50 -8.73
N ALA A 1 26.70 12.66 0.95
CA ALA A 1 27.36 11.43 1.47
C ALA A 1 27.82 11.63 2.91
N ASP A 2 27.71 10.58 3.71
CA ASP A 2 28.12 10.63 5.11
C ASP A 2 27.31 11.69 5.87
N LYS A 3 26.06 11.35 6.18
CA LYS A 3 25.19 12.28 6.89
C LYS A 3 24.98 13.58 6.11
N SER A 4 24.08 13.54 5.14
CA SER A 4 23.79 14.71 4.33
C SER A 4 22.43 14.59 3.66
N ASP A 5 21.64 15.66 3.73
CA ASP A 5 20.32 15.69 3.12
C ASP A 5 19.36 14.72 3.82
N LEU A 6 19.76 14.19 4.98
CA LEU A 6 18.94 13.25 5.72
C LEU A 6 17.80 13.96 6.47
N GLY A 7 17.60 15.24 6.18
CA GLY A 7 16.55 15.99 6.85
C GLY A 7 15.17 15.49 6.50
N TYR A 8 15.03 14.86 5.34
CA TYR A 8 13.75 14.33 4.91
C TYR A 8 13.35 13.12 5.76
N THR A 9 14.35 12.40 6.25
CA THR A 9 14.11 11.22 7.07
C THR A 9 13.80 11.59 8.52
N GLY A 10 14.26 12.76 8.95
CA GLY A 10 14.00 13.21 10.31
C GLY A 10 12.54 13.54 10.52
N LEU A 11 11.81 13.65 9.42
CA LEU A 11 10.40 13.98 9.47
C LEU A 11 9.54 12.71 9.54
N THR A 12 9.73 11.97 10.62
CA THR A 12 9.00 10.72 10.84
C THR A 12 7.52 10.98 11.04
N ASP A 13 7.21 12.03 11.77
CA ASP A 13 5.83 12.41 12.04
C ASP A 13 5.12 12.79 10.76
N GLU A 14 5.83 13.51 9.90
CA GLU A 14 5.26 13.94 8.63
C GLU A 14 4.96 12.74 7.75
N GLN A 15 5.91 11.82 7.69
CA GLN A 15 5.73 10.61 6.89
C GLN A 15 4.60 9.77 7.46
N ALA A 16 4.50 9.76 8.79
CA ALA A 16 3.44 8.99 9.45
C ALA A 16 2.09 9.48 9.02
N GLN A 17 1.94 10.80 9.00
CA GLN A 17 0.70 11.44 8.59
C GLN A 17 0.39 11.11 7.13
N GLU A 18 1.45 11.07 6.31
CA GLU A 18 1.30 10.76 4.90
C GLU A 18 0.72 9.35 4.72
N LEU A 19 1.17 8.44 5.57
CA LEU A 19 0.70 7.06 5.53
C LEU A 19 -0.77 7.00 5.94
N HIS A 20 -1.11 7.76 6.98
CA HIS A 20 -2.47 7.81 7.48
C HIS A 20 -3.41 8.34 6.41
N SER A 21 -2.99 9.43 5.76
CA SER A 21 -3.79 10.05 4.71
C SER A 21 -4.02 9.09 3.55
N VAL A 22 -2.97 8.39 3.14
CA VAL A 22 -3.08 7.43 2.03
C VAL A 22 -3.91 6.23 2.46
N TYR A 23 -3.76 5.79 3.69
CA TYR A 23 -4.53 4.66 4.18
C TYR A 23 -6.01 4.98 4.07
N MET A 24 -6.40 6.17 4.52
CA MET A 24 -7.79 6.60 4.44
C MET A 24 -8.18 6.88 3.00
N SER A 25 -7.33 7.61 2.31
CA SER A 25 -7.55 7.93 0.91
C SER A 25 -7.71 6.62 0.14
N GLY A 26 -6.96 5.62 0.56
CA GLY A 26 -7.02 4.31 -0.07
C GLY A 26 -7.71 3.28 0.79
N LEU A 27 -8.70 3.75 1.55
CA LEU A 27 -9.46 2.86 2.44
C LEU A 27 -10.03 1.66 1.69
N TRP A 28 -10.22 1.82 0.39
CA TRP A 28 -10.77 0.75 -0.44
C TRP A 28 -9.67 -0.18 -0.95
N LEU A 29 -8.61 -0.36 -0.17
CA LEU A 29 -7.50 -1.23 -0.56
C LEU A 29 -7.95 -2.68 -0.61
N PHE A 30 -8.79 -3.07 0.34
CA PHE A 30 -9.30 -4.43 0.41
C PHE A 30 -10.11 -4.78 -0.83
N SER A 31 -10.86 -3.81 -1.34
CA SER A 31 -11.67 -4.01 -2.52
C SER A 31 -10.83 -4.47 -3.70
N ALA A 32 -9.64 -3.88 -3.83
CA ALA A 32 -8.73 -4.24 -4.89
C ALA A 32 -8.22 -5.64 -4.63
N VAL A 33 -7.99 -5.91 -3.35
CA VAL A 33 -7.52 -7.19 -2.89
C VAL A 33 -8.53 -8.29 -3.20
N ALA A 34 -9.81 -7.99 -2.97
CA ALA A 34 -10.88 -8.94 -3.23
C ALA A 34 -11.02 -9.25 -4.71
N ILE A 35 -11.05 -8.20 -5.53
CA ILE A 35 -11.19 -8.37 -6.97
C ILE A 35 -10.00 -9.13 -7.55
N VAL A 36 -8.79 -8.75 -7.16
CA VAL A 36 -7.58 -9.41 -7.63
C VAL A 36 -7.61 -10.90 -7.28
N ALA A 37 -7.91 -11.20 -6.03
CA ALA A 37 -7.97 -12.58 -5.56
C ALA A 37 -9.01 -13.37 -6.35
N HIS A 38 -10.16 -12.75 -6.59
CA HIS A 38 -11.23 -13.40 -7.33
C HIS A 38 -10.76 -13.79 -8.73
N LEU A 39 -10.20 -12.82 -9.44
CA LEU A 39 -9.69 -13.04 -10.78
C LEU A 39 -8.61 -14.13 -10.78
N ALA A 40 -7.69 -14.04 -9.82
CA ALA A 40 -6.62 -15.01 -9.71
C ALA A 40 -7.17 -16.42 -9.58
N VAL A 41 -8.21 -16.57 -8.77
CA VAL A 41 -8.83 -17.87 -8.58
C VAL A 41 -9.43 -18.37 -9.88
N TYR A 42 -10.13 -17.48 -10.58
CA TYR A 42 -10.71 -17.83 -11.86
C TYR A 42 -9.62 -18.31 -12.81
N ILE A 43 -8.41 -17.78 -12.62
CA ILE A 43 -7.27 -18.15 -13.43
C ILE A 43 -6.67 -19.48 -12.95
N TRP A 44 -6.87 -19.79 -11.68
CA TRP A 44 -6.35 -21.02 -11.10
C TRP A 44 -7.32 -22.19 -11.28
N ARG A 45 -8.50 -21.91 -11.83
CA ARG A 45 -9.50 -22.96 -12.05
C ARG A 45 -8.97 -24.05 -12.97
N PRO A 46 -8.35 -23.68 -14.12
CA PRO A 46 -7.80 -24.65 -15.06
C PRO A 46 -6.59 -25.39 -14.52
N TRP A 47 -6.07 -24.91 -13.39
CA TRP A 47 -4.91 -25.52 -12.77
C TRP A 47 -5.32 -26.58 -11.77
N PHE A 48 -6.36 -26.26 -11.01
CA PHE A 48 -6.88 -27.17 -10.00
C PHE A 48 -5.85 -27.42 -8.91
N ALA A 1 26.42 2.52 9.90
CA ALA A 1 27.23 3.10 8.79
C ALA A 1 26.45 3.06 7.48
N ASP A 2 25.26 3.65 7.49
CA ASP A 2 24.43 3.68 6.29
C ASP A 2 23.73 5.04 6.16
N LYS A 3 22.87 5.16 5.16
CA LYS A 3 22.15 6.40 4.91
C LYS A 3 20.65 6.15 4.80
N SER A 4 19.86 7.16 5.15
CA SER A 4 18.41 7.06 5.08
C SER A 4 17.76 8.44 5.02
N ASP A 5 18.19 9.23 4.04
CA ASP A 5 17.66 10.58 3.84
C ASP A 5 17.53 11.35 5.15
N LEU A 6 18.61 11.38 5.94
CA LEU A 6 18.61 12.13 7.19
C LEU A 6 18.73 13.62 6.94
N GLY A 7 18.03 14.13 5.93
CA GLY A 7 18.09 15.54 5.62
C GLY A 7 17.50 16.37 6.72
N TYR A 8 16.41 17.06 6.42
CA TYR A 8 15.75 17.88 7.42
C TYR A 8 15.05 17.01 8.46
N THR A 9 14.91 15.72 8.14
CA THR A 9 14.26 14.76 9.03
C THR A 9 12.75 14.99 9.09
N GLY A 10 12.30 16.15 8.62
CA GLY A 10 10.88 16.44 8.63
C GLY A 10 10.12 15.59 7.63
N LEU A 11 10.85 15.02 6.68
CA LEU A 11 10.27 14.18 5.64
C LEU A 11 9.59 12.94 6.25
N THR A 12 9.95 12.62 7.48
CA THR A 12 9.39 11.46 8.17
C THR A 12 7.92 11.69 8.53
N ASP A 13 7.63 12.88 9.03
CA ASP A 13 6.27 13.22 9.43
C ASP A 13 5.34 13.26 8.23
N GLU A 14 5.84 13.82 7.14
CA GLU A 14 5.05 13.94 5.92
C GLU A 14 4.78 12.57 5.31
N GLN A 15 5.80 11.74 5.30
CA GLN A 15 5.68 10.39 4.75
C GLN A 15 4.68 9.57 5.56
N ALA A 16 4.78 9.67 6.87
CA ALA A 16 3.89 8.94 7.77
C ALA A 16 2.44 9.33 7.53
N GLN A 17 2.20 10.63 7.58
CA GLN A 17 0.86 11.18 7.37
C GLN A 17 0.35 10.84 5.98
N GLU A 18 1.25 10.83 5.00
CA GLU A 18 0.88 10.53 3.62
C GLU A 18 0.33 9.10 3.52
N LEU A 19 1.07 8.15 4.09
CA LEU A 19 0.65 6.76 4.06
C LEU A 19 -0.60 6.56 4.91
N HIS A 20 -0.60 7.16 6.10
CA HIS A 20 -1.74 7.07 7.00
C HIS A 20 -2.99 7.64 6.33
N SER A 21 -2.82 8.76 5.65
CA SER A 21 -3.92 9.42 4.95
C SER A 21 -4.48 8.50 3.87
N VAL A 22 -3.60 7.85 3.12
CA VAL A 22 -4.03 6.94 2.06
C VAL A 22 -4.75 5.72 2.64
N TYR A 23 -4.26 5.23 3.77
CA TYR A 23 -4.88 4.08 4.40
C TYR A 23 -6.31 4.42 4.78
N MET A 24 -6.48 5.58 5.42
CA MET A 24 -7.81 6.05 5.81
C MET A 24 -8.62 6.45 4.59
N SER A 25 -8.00 7.23 3.73
CA SER A 25 -8.65 7.68 2.51
C SER A 25 -9.08 6.46 1.71
N GLY A 26 -8.28 5.41 1.79
CA GLY A 26 -8.61 4.18 1.08
C GLY A 26 -8.85 3.01 2.02
N LEU A 27 -9.58 3.27 3.11
CA LEU A 27 -9.90 2.23 4.08
C LEU A 27 -10.64 1.07 3.43
N TRP A 28 -11.30 1.34 2.31
CA TRP A 28 -12.06 0.32 1.60
C TRP A 28 -11.24 -0.29 0.46
N LEU A 29 -9.93 -0.03 0.47
CA LEU A 29 -9.05 -0.55 -0.57
C LEU A 29 -8.94 -2.07 -0.49
N PHE A 30 -9.03 -2.59 0.73
CA PHE A 30 -8.94 -4.04 0.95
C PHE A 30 -10.03 -4.78 0.18
N SER A 31 -11.22 -4.19 0.13
CA SER A 31 -12.35 -4.79 -0.57
C SER A 31 -12.05 -4.96 -2.05
N ALA A 32 -11.41 -3.95 -2.65
CA ALA A 32 -11.05 -4.02 -4.06
C ALA A 32 -9.98 -5.06 -4.24
N VAL A 33 -9.07 -5.08 -3.29
CA VAL A 33 -7.98 -6.02 -3.24
C VAL A 33 -8.49 -7.45 -3.15
N ALA A 34 -9.50 -7.64 -2.31
CA ALA A 34 -10.10 -8.96 -2.11
C ALA A 34 -10.80 -9.47 -3.37
N ILE A 35 -11.63 -8.61 -3.96
CA ILE A 35 -12.37 -8.99 -5.16
C ILE A 35 -11.43 -9.22 -6.34
N VAL A 36 -10.55 -8.27 -6.57
CA VAL A 36 -9.59 -8.37 -7.67
C VAL A 36 -8.72 -9.62 -7.53
N ALA A 37 -8.21 -9.84 -6.32
CA ALA A 37 -7.37 -11.00 -6.04
C ALA A 37 -8.14 -12.29 -6.28
N HIS A 38 -9.38 -12.32 -5.83
CA HIS A 38 -10.23 -13.49 -5.99
C HIS A 38 -10.39 -13.86 -7.46
N LEU A 39 -10.63 -12.84 -8.29
CA LEU A 39 -10.79 -13.05 -9.73
C LEU A 39 -9.49 -13.52 -10.35
N ALA A 40 -8.40 -12.85 -9.99
CA ALA A 40 -7.09 -13.20 -10.53
C ALA A 40 -6.76 -14.66 -10.26
N VAL A 41 -6.95 -15.10 -9.02
CA VAL A 41 -6.68 -16.47 -8.66
C VAL A 41 -7.61 -17.41 -9.41
N TYR A 42 -8.86 -16.99 -9.57
CA TYR A 42 -9.84 -17.78 -10.29
C TYR A 42 -9.35 -18.01 -11.72
N ILE A 43 -8.58 -17.04 -12.24
CA ILE A 43 -8.04 -17.15 -13.59
C ILE A 43 -6.84 -18.09 -13.63
N TRP A 44 -6.00 -18.01 -12.60
CA TRP A 44 -4.81 -18.85 -12.53
C TRP A 44 -5.13 -20.24 -11.97
N ARG A 45 -6.31 -20.38 -11.35
CA ARG A 45 -6.71 -21.66 -10.78
C ARG A 45 -6.70 -22.76 -11.85
N PRO A 46 -7.38 -22.54 -12.99
CA PRO A 46 -7.43 -23.54 -14.07
C PRO A 46 -6.16 -23.52 -14.92
N TRP A 47 -5.26 -22.59 -14.63
CA TRP A 47 -4.01 -22.47 -15.37
C TRP A 47 -2.90 -23.23 -14.68
N PHE A 48 -2.87 -23.13 -13.37
CA PHE A 48 -1.86 -23.80 -12.56
C PHE A 48 -0.47 -23.28 -12.89
N ALA A 1 25.17 9.37 2.24
CA ALA A 1 23.72 9.07 2.36
C ALA A 1 23.47 8.06 3.47
N ASP A 2 24.31 8.08 4.50
CA ASP A 2 24.16 7.15 5.61
C ASP A 2 23.67 7.89 6.86
N LYS A 3 24.15 9.11 7.05
CA LYS A 3 23.76 9.92 8.20
C LYS A 3 23.29 11.31 7.75
N SER A 4 22.61 12.02 8.64
CA SER A 4 22.11 13.36 8.35
C SER A 4 20.93 13.30 7.38
N ASP A 5 21.16 12.77 6.19
CA ASP A 5 20.10 12.65 5.18
C ASP A 5 19.22 11.43 5.44
N LEU A 6 18.79 11.26 6.68
CA LEU A 6 17.94 10.13 7.05
C LEU A 6 16.51 10.31 6.53
N GLY A 7 16.24 11.44 5.87
CA GLY A 7 14.91 11.70 5.36
C GLY A 7 14.51 10.74 4.25
N TYR A 8 15.48 10.03 3.69
CA TYR A 8 15.20 9.08 2.62
C TYR A 8 14.43 7.88 3.17
N THR A 9 14.95 7.31 4.24
CA THR A 9 14.32 6.15 4.88
C THR A 9 13.16 6.59 5.76
N GLY A 10 13.20 7.83 6.22
CA GLY A 10 12.15 8.35 7.09
C GLY A 10 10.81 8.47 6.37
N LEU A 11 10.82 8.31 5.05
CA LEU A 11 9.59 8.41 4.26
C LEU A 11 8.70 7.18 4.44
N THR A 12 9.19 6.20 5.20
CA THR A 12 8.42 4.97 5.44
C THR A 12 7.20 5.26 6.31
N ASP A 13 7.44 5.83 7.48
CA ASP A 13 6.34 6.17 8.40
C ASP A 13 5.39 7.15 7.74
N GLU A 14 5.96 8.12 7.04
CA GLU A 14 5.17 9.13 6.34
C GLU A 14 4.35 8.47 5.26
N GLN A 15 4.94 7.48 4.62
CA GLN A 15 4.28 6.73 3.55
C GLN A 15 3.02 6.06 4.09
N ALA A 16 3.17 5.37 5.22
CA ALA A 16 2.05 4.68 5.84
C ALA A 16 0.95 5.66 6.21
N GLN A 17 1.36 6.81 6.73
CA GLN A 17 0.43 7.84 7.13
C GLN A 17 -0.35 8.36 5.91
N GLU A 18 0.37 8.58 4.82
CA GLU A 18 -0.24 9.07 3.59
C GLU A 18 -1.27 8.07 3.06
N LEU A 19 -0.93 6.79 3.13
CA LEU A 19 -1.83 5.74 2.66
C LEU A 19 -3.05 5.64 3.58
N HIS A 20 -2.84 5.83 4.88
CA HIS A 20 -3.92 5.77 5.84
C HIS A 20 -4.97 6.84 5.55
N SER A 21 -4.51 8.09 5.44
CA SER A 21 -5.40 9.20 5.17
C SER A 21 -6.10 9.03 3.82
N VAL A 22 -5.34 8.60 2.82
CA VAL A 22 -5.89 8.39 1.48
C VAL A 22 -6.86 7.22 1.48
N TYR A 23 -6.52 6.18 2.24
CA TYR A 23 -7.39 5.01 2.30
C TYR A 23 -8.75 5.41 2.83
N MET A 24 -8.76 6.18 3.92
CA MET A 24 -10.00 6.66 4.51
C MET A 24 -10.64 7.70 3.62
N SER A 25 -9.82 8.65 3.19
CA SER A 25 -10.29 9.70 2.29
C SER A 25 -10.88 9.06 1.06
N GLY A 26 -10.29 7.94 0.66
CA GLY A 26 -10.76 7.22 -0.51
C GLY A 26 -11.05 5.76 -0.20
N LEU A 27 -11.89 5.52 0.80
CA LEU A 27 -12.25 4.15 1.19
C LEU A 27 -12.61 3.30 -0.02
N TRP A 28 -13.07 3.93 -1.09
CA TRP A 28 -13.43 3.21 -2.31
C TRP A 28 -12.29 2.30 -2.78
N LEU A 29 -11.07 2.66 -2.40
CA LEU A 29 -9.89 1.88 -2.79
C LEU A 29 -10.00 0.46 -2.24
N PHE A 30 -10.66 0.31 -1.09
CA PHE A 30 -10.82 -1.00 -0.47
C PHE A 30 -11.56 -1.95 -1.40
N SER A 31 -12.54 -1.42 -2.12
CA SER A 31 -13.32 -2.21 -3.05
C SER A 31 -12.44 -2.77 -4.18
N ALA A 32 -11.52 -1.94 -4.66
CA ALA A 32 -10.61 -2.36 -5.71
C ALA A 32 -9.64 -3.38 -5.14
N VAL A 33 -9.24 -3.10 -3.92
CA VAL A 33 -8.33 -3.95 -3.18
C VAL A 33 -8.93 -5.34 -3.00
N ALA A 34 -10.20 -5.39 -2.57
CA ALA A 34 -10.88 -6.66 -2.36
C ALA A 34 -11.08 -7.43 -3.66
N ILE A 35 -11.59 -6.75 -4.68
CA ILE A 35 -11.83 -7.39 -5.98
C ILE A 35 -10.54 -7.92 -6.58
N VAL A 36 -9.54 -7.05 -6.63
CA VAL A 36 -8.23 -7.43 -7.18
C VAL A 36 -7.65 -8.62 -6.42
N ALA A 37 -7.75 -8.59 -5.10
CA ALA A 37 -7.22 -9.66 -4.26
C ALA A 37 -7.88 -10.99 -4.60
N HIS A 38 -9.22 -11.00 -4.66
CA HIS A 38 -9.95 -12.22 -4.96
C HIS A 38 -9.56 -12.78 -6.33
N LEU A 39 -9.59 -11.93 -7.34
CA LEU A 39 -9.23 -12.35 -8.69
C LEU A 39 -7.75 -12.74 -8.75
N ALA A 40 -6.92 -12.01 -8.01
CA ALA A 40 -5.49 -12.29 -7.97
C ALA A 40 -5.25 -13.72 -7.53
N VAL A 41 -5.91 -14.11 -6.44
CA VAL A 41 -5.78 -15.46 -5.92
C VAL A 41 -6.30 -16.46 -6.93
N TYR A 42 -7.42 -16.12 -7.56
CA TYR A 42 -8.01 -16.98 -8.57
C TYR A 42 -7.00 -17.24 -9.69
N ILE A 43 -6.13 -16.26 -9.92
CA ILE A 43 -5.12 -16.38 -10.98
C ILE A 43 -3.94 -17.27 -10.56
N TRP A 44 -3.43 -17.07 -9.35
CA TRP A 44 -2.31 -17.87 -8.88
C TRP A 44 -2.75 -19.13 -8.14
N ARG A 45 -4.06 -19.27 -7.94
CA ARG A 45 -4.59 -20.45 -7.25
C ARG A 45 -4.13 -21.74 -7.92
N PRO A 46 -4.29 -21.85 -9.25
CA PRO A 46 -3.87 -23.05 -9.99
C PRO A 46 -2.38 -23.03 -10.32
N TRP A 47 -1.70 -21.95 -9.95
CA TRP A 47 -0.27 -21.81 -10.21
C TRP A 47 0.55 -22.43 -9.08
N PHE A 48 0.09 -22.20 -7.86
CA PHE A 48 0.77 -22.71 -6.68
C PHE A 48 2.08 -21.98 -6.43
#